data_7MI0
#
_entry.id   7MI0
#
_cell.length_a   111.270
_cell.length_b   111.270
_cell.length_c   163.740
_cell.angle_alpha   90.000
_cell.angle_beta   90.000
_cell.angle_gamma   120.000
#
_symmetry.space_group_name_H-M   'P 65 2 2'
#
loop_
_entity.id
_entity.type
_entity.pdbx_description
1 polymer Glycosyltransferase
2 non-polymer 'CHLORIDE ION'
3 water water
#
_entity_poly.entity_id   1
_entity_poly.type   'polypeptide(L)'
_entity_poly.pdbx_seq_one_letter_code
;MAHHHHHHMPSLKSSKRYNKYTILQVVPALVSGGVERGTIEVAKYLKILGHTPIIISVGGTLVKELDKEDILHIEMNSNS
KNPFVILNNAKLIAEIIKKYNVDIVHTRSRAPAWSSYLATKWTNAKFLTTFHGVYNIPNSFKKYYNSIMLKGKKVVAVSN
FVKQHLLENYKIDEDKIVVIERGVNCDYFDPANLTPEKLEKCCEKYDVPSNVPIILMPSRMTSWKGHLVLVEALSKLKHR
DFYCLMVGDISRHPNFTNRVKELIANLKLQNKIQIFGNDSDIINLYGISDIIISASIEPEAFGRTIIEGQAMKKLVIATN
IGGAVETINNNITGFHVEPNNAEALAQKIDYCFSILGTDLAKKIQEAARHTVINNFSLNLMLRKNLEIYKEILKNSHN
;
_entity_poly.pdbx_strand_id   A
#
# COMPACT_ATOMS: atom_id res chain seq x y z
N TYR A 18 -12.84 -2.50 -31.37
CA TYR A 18 -12.49 -3.89 -31.07
C TYR A 18 -12.63 -4.16 -29.58
N ASN A 19 -11.58 -4.72 -28.97
CA ASN A 19 -11.55 -4.96 -27.54
C ASN A 19 -10.30 -4.40 -26.89
N LYS A 20 -9.66 -3.41 -27.52
CA LYS A 20 -8.49 -2.74 -26.97
C LYS A 20 -8.87 -1.33 -26.52
N TYR A 21 -8.43 -0.94 -25.33
CA TYR A 21 -8.85 0.29 -24.67
C TYR A 21 -7.67 1.22 -24.47
N THR A 22 -7.99 2.50 -24.24
CA THR A 22 -6.98 3.50 -23.89
C THR A 22 -7.33 4.03 -22.50
N ILE A 23 -6.46 3.75 -21.53
CA ILE A 23 -6.67 4.14 -20.14
C ILE A 23 -5.67 5.22 -19.78
N LEU A 24 -6.19 6.40 -19.45
CA LEU A 24 -5.37 7.52 -18.98
C LEU A 24 -5.48 7.59 -17.47
N GLN A 25 -4.35 7.40 -16.78
CA GLN A 25 -4.31 7.52 -15.33
C GLN A 25 -3.68 8.85 -14.94
N VAL A 26 -4.28 9.49 -13.93
CA VAL A 26 -3.81 10.78 -13.43
C VAL A 26 -3.30 10.58 -12.01
N VAL A 27 -2.03 10.88 -11.79
CA VAL A 27 -1.37 10.67 -10.50
C VAL A 27 -1.06 12.02 -9.89
N PRO A 28 -1.38 12.24 -8.60
CA PRO A 28 -1.07 13.54 -7.98
C PRO A 28 0.27 13.56 -7.26
N ALA A 29 0.58 14.69 -6.62
CA ALA A 29 1.82 14.81 -5.87
C ALA A 29 1.77 14.00 -4.58
N LEU A 30 0.60 13.93 -3.94
CA LEU A 30 0.44 13.15 -2.72
C LEU A 30 0.19 11.69 -3.09
N VAL A 31 1.12 10.80 -2.71
CA VAL A 31 1.13 9.44 -3.23
C VAL A 31 1.09 8.43 -2.08
N SER A 32 0.48 8.81 -0.95
CA SER A 32 0.39 7.89 0.18
C SER A 32 -0.62 6.78 -0.12
N GLY A 33 -0.24 5.55 0.19
CA GLY A 33 -1.08 4.39 -0.07
C GLY A 33 -0.69 3.55 -1.26
N GLY A 34 0.58 3.57 -1.67
CA GLY A 34 0.99 2.81 -2.85
C GLY A 34 0.31 3.25 -4.12
N VAL A 35 0.15 4.56 -4.30
CA VAL A 35 -0.56 5.08 -5.47
C VAL A 35 0.29 4.94 -6.73
N GLU A 36 1.59 5.28 -6.65
CA GLU A 36 2.46 5.15 -7.80
C GLU A 36 2.68 3.68 -8.16
N ARG A 37 2.80 2.81 -7.16
CA ARG A 37 3.01 1.39 -7.44
C ARG A 37 1.78 0.79 -8.13
N GLY A 38 0.58 1.15 -7.67
CA GLY A 38 -0.61 0.67 -8.33
C GLY A 38 -0.74 1.16 -9.77
N THR A 39 -0.37 2.42 -10.01
CA THR A 39 -0.47 3.01 -11.34
C THR A 39 0.49 2.35 -12.33
N ILE A 40 1.72 2.06 -11.89
CA ILE A 40 2.71 1.44 -12.76
C ILE A 40 2.33 0.00 -13.07
N GLU A 41 1.90 -0.75 -12.05
CA GLU A 41 1.56 -2.14 -12.28
C GLU A 41 0.35 -2.28 -13.20
N VAL A 42 -0.61 -1.36 -13.11
CA VAL A 42 -1.77 -1.42 -14.00
C VAL A 42 -1.37 -1.05 -15.41
N ALA A 43 -0.50 -0.04 -15.55
CA ALA A 43 -0.02 0.34 -16.87
C ALA A 43 0.72 -0.82 -17.55
N LYS A 44 1.67 -1.42 -16.85
CA LYS A 44 2.40 -2.57 -17.39
C LYS A 44 1.45 -3.68 -17.82
N TYR A 45 0.44 -3.95 -16.99
CA TYR A 45 -0.53 -5.00 -17.31
C TYR A 45 -1.34 -4.66 -18.55
N LEU A 46 -1.79 -3.41 -18.66
CA LEU A 46 -2.50 -2.98 -19.86
C LEU A 46 -1.65 -3.13 -21.10
N LYS A 47 -0.34 -2.84 -20.99
CA LYS A 47 0.56 -3.01 -22.14
C LYS A 47 0.58 -4.44 -22.63
N ILE A 48 0.78 -5.40 -21.71
CA ILE A 48 0.90 -6.81 -22.08
C ILE A 48 -0.36 -7.27 -22.82
N LEU A 49 -1.52 -6.82 -22.38
CA LEU A 49 -2.78 -7.21 -22.99
C LEU A 49 -3.07 -6.45 -24.29
N GLY A 50 -2.15 -5.61 -24.76
CA GLY A 50 -2.38 -4.86 -25.96
C GLY A 50 -3.26 -3.64 -25.80
N HIS A 51 -3.55 -3.23 -24.57
CA HIS A 51 -4.22 -1.97 -24.32
C HIS A 51 -3.19 -0.84 -24.26
N THR A 52 -3.67 0.39 -24.29
CA THR A 52 -2.76 1.54 -24.36
C THR A 52 -2.84 2.34 -23.07
N PRO A 53 -1.83 2.25 -22.20
CA PRO A 53 -1.83 3.08 -21.01
C PRO A 53 -1.16 4.42 -21.28
N ILE A 54 -1.71 5.46 -20.65
CA ILE A 54 -1.13 6.79 -20.63
C ILE A 54 -1.21 7.28 -19.19
N ILE A 55 -0.15 7.95 -18.74
CA ILE A 55 -0.10 8.45 -17.37
C ILE A 55 0.21 9.95 -17.41
N ILE A 56 -0.69 10.75 -16.86
CA ILE A 56 -0.42 12.16 -16.60
C ILE A 56 0.03 12.29 -15.16
N SER A 57 1.20 12.91 -14.97
CA SER A 57 1.80 13.06 -13.65
C SER A 57 2.44 14.43 -13.57
N VAL A 58 2.76 14.85 -12.33
CA VAL A 58 3.53 16.08 -12.14
C VAL A 58 5.01 15.88 -12.42
N GLY A 59 5.42 14.68 -12.83
CA GLY A 59 6.82 14.42 -13.07
C GLY A 59 7.50 13.75 -11.90
N GLY A 60 8.71 14.23 -11.57
CA GLY A 60 9.44 13.66 -10.45
C GLY A 60 9.96 12.25 -10.74
N THR A 61 10.40 11.60 -9.65
CA THR A 61 11.05 10.29 -9.73
C THR A 61 10.20 9.25 -10.46
N LEU A 62 8.88 9.43 -10.49
CA LEU A 62 8.01 8.46 -11.14
CA LEU A 62 8.01 8.46 -11.14
C LEU A 62 8.36 8.28 -12.62
N VAL A 63 8.72 9.37 -13.30
CA VAL A 63 9.00 9.29 -14.74
C VAL A 63 10.10 8.29 -15.04
N LYS A 64 11.07 8.15 -14.13
CA LYS A 64 12.18 7.22 -14.38
C LYS A 64 11.67 5.80 -14.64
N GLU A 65 10.80 5.30 -13.76
CA GLU A 65 10.25 3.96 -13.96
C GLU A 65 9.39 3.91 -15.22
N LEU A 66 8.63 4.98 -15.48
CA LEU A 66 7.75 5.00 -16.65
C LEU A 66 8.55 4.91 -17.94
N ASP A 67 9.72 5.56 -17.98
CA ASP A 67 10.60 5.44 -19.14
C ASP A 67 11.21 4.05 -19.24
N LYS A 68 11.53 3.43 -18.10
CA LYS A 68 12.09 2.08 -18.14
C LYS A 68 11.08 1.11 -18.71
N GLU A 69 9.82 1.21 -18.32
CA GLU A 69 8.77 0.33 -18.80
C GLU A 69 8.14 0.80 -20.10
N ASP A 70 8.66 1.89 -20.68
CA ASP A 70 8.19 2.42 -21.97
C ASP A 70 6.67 2.64 -21.96
N ILE A 71 6.24 3.52 -21.06
CA ILE A 71 4.83 3.87 -20.90
C ILE A 71 4.70 5.37 -21.17
N LEU A 72 3.79 5.73 -22.07
CA LEU A 72 3.64 7.12 -22.47
C LEU A 72 3.23 7.98 -21.29
N HIS A 73 4.10 8.91 -20.89
CA HIS A 73 3.84 9.81 -19.77
CA HIS A 73 3.83 9.80 -19.78
C HIS A 73 3.75 11.24 -20.27
N ILE A 74 2.83 12.00 -19.70
CA ILE A 74 2.63 13.41 -20.01
C ILE A 74 2.78 14.20 -18.71
N GLU A 75 3.81 15.03 -18.64
CA GLU A 75 3.96 15.90 -17.48
C GLU A 75 2.93 17.02 -17.53
N MET A 76 2.51 17.47 -16.35
CA MET A 76 1.48 18.49 -16.22
C MET A 76 1.43 18.90 -14.75
N ASN A 77 1.21 20.19 -14.51
CA ASN A 77 1.32 20.77 -13.17
C ASN A 77 -0.07 21.03 -12.62
N SER A 78 -0.46 20.26 -11.60
CA SER A 78 -1.77 20.41 -10.98
C SER A 78 -1.77 21.59 -10.01
N ASN A 79 -2.89 22.30 -9.96
CA ASN A 79 -3.05 23.40 -9.02
C ASN A 79 -4.53 23.60 -8.69
N SER A 80 -5.01 22.91 -7.66
CA SER A 80 -6.44 22.88 -7.36
C SER A 80 -6.93 24.19 -6.73
N LYS A 81 -6.08 25.21 -6.68
CA LYS A 81 -6.37 26.45 -5.99
C LYS A 81 -6.70 27.60 -6.93
N ASN A 82 -6.68 27.38 -8.24
CA ASN A 82 -6.88 28.45 -9.22
C ASN A 82 -7.87 27.99 -10.29
N PRO A 83 -9.05 28.58 -10.37
CA PRO A 83 -10.03 28.13 -11.36
C PRO A 83 -9.55 28.24 -12.80
N PHE A 84 -8.76 29.26 -13.11
CA PHE A 84 -8.23 29.38 -14.46
C PHE A 84 -7.35 28.19 -14.80
N VAL A 85 -6.51 27.76 -13.83
CA VAL A 85 -5.64 26.62 -14.05
C VAL A 85 -6.46 25.33 -14.12
N ILE A 86 -7.50 25.21 -13.30
CA ILE A 86 -8.37 24.04 -13.36
C ILE A 86 -9.02 23.94 -14.73
N LEU A 87 -9.59 25.05 -15.21
CA LEU A 87 -10.26 25.04 -16.51
C LEU A 87 -9.26 24.80 -17.64
N ASN A 88 -8.05 25.32 -17.51
CA ASN A 88 -7.08 25.15 -18.60
C ASN A 88 -6.48 23.75 -18.59
N ASN A 89 -6.17 23.20 -17.41
CA ASN A 89 -5.78 21.79 -17.35
C ASN A 89 -6.89 20.92 -17.91
N ALA A 90 -8.14 21.20 -17.56
CA ALA A 90 -9.24 20.42 -18.09
C ALA A 90 -9.26 20.47 -19.61
N LYS A 91 -8.93 21.62 -20.20
CA LYS A 91 -8.84 21.70 -21.66
C LYS A 91 -7.69 20.85 -22.18
N LEU A 92 -6.52 20.92 -21.54
CA LEU A 92 -5.37 20.13 -21.98
C LEU A 92 -5.69 18.64 -21.93
N ILE A 93 -6.27 18.17 -20.82
CA ILE A 93 -6.62 16.75 -20.71
C ILE A 93 -7.63 16.37 -21.78
N ALA A 94 -8.66 17.21 -21.96
CA ALA A 94 -9.67 16.94 -22.98
C ALA A 94 -9.03 16.80 -24.37
N GLU A 95 -8.05 17.65 -24.67
CA GLU A 95 -7.38 17.53 -25.97
C GLU A 95 -6.54 16.26 -26.04
N ILE A 96 -5.93 15.87 -24.91
CA ILE A 96 -5.27 14.56 -24.85
C ILE A 96 -6.27 13.45 -25.09
N ILE A 97 -7.45 13.55 -24.45
CA ILE A 97 -8.50 12.54 -24.64
C ILE A 97 -8.83 12.41 -26.13
N LYS A 98 -9.14 13.53 -26.79
CA LYS A 98 -9.50 13.49 -28.20
C LYS A 98 -8.36 12.94 -29.04
N LYS A 99 -7.12 13.25 -28.66
CA LYS A 99 -5.96 12.86 -29.46
C LYS A 99 -5.79 11.35 -29.48
N TYR A 100 -5.83 10.72 -28.31
CA TYR A 100 -5.58 9.29 -28.18
C TYR A 100 -6.85 8.46 -28.07
N ASN A 101 -8.01 9.06 -28.32
CA ASN A 101 -9.31 8.40 -28.18
C ASN A 101 -9.39 7.63 -26.85
N VAL A 102 -9.12 8.36 -25.76
CA VAL A 102 -9.12 7.77 -24.43
C VAL A 102 -10.52 7.31 -24.08
N ASP A 103 -10.63 6.08 -23.58
CA ASP A 103 -11.91 5.50 -23.21
C ASP A 103 -12.28 5.76 -21.75
N ILE A 104 -11.29 5.78 -20.86
CA ILE A 104 -11.52 5.99 -19.44
C ILE A 104 -10.41 6.88 -18.90
N VAL A 105 -10.79 7.88 -18.12
CA VAL A 105 -9.83 8.64 -17.31
C VAL A 105 -9.95 8.15 -15.88
N HIS A 106 -8.83 7.71 -15.31
CA HIS A 106 -8.76 7.04 -14.02
C HIS A 106 -7.97 7.92 -13.06
N THR A 107 -8.65 8.51 -12.09
CA THR A 107 -8.04 9.44 -11.15
C THR A 107 -7.82 8.79 -9.79
N ARG A 108 -6.64 9.02 -9.22
CA ARG A 108 -6.28 8.52 -7.91
C ARG A 108 -5.87 9.68 -7.00
N SER A 109 -6.59 10.79 -7.09
CA SER A 109 -6.31 12.03 -6.38
C SER A 109 -7.00 12.06 -5.03
N ARG A 110 -6.45 12.87 -4.11
CA ARG A 110 -7.00 12.95 -2.76
C ARG A 110 -8.33 13.68 -2.77
N ALA A 111 -8.33 14.93 -3.21
CA ALA A 111 -9.54 15.72 -3.41
C ALA A 111 -10.27 15.21 -4.65
N PRO A 112 -11.45 15.73 -4.98
CA PRO A 112 -12.02 15.45 -6.30
C PRO A 112 -11.10 15.97 -7.40
N ALA A 113 -10.97 15.19 -8.47
CA ALA A 113 -10.08 15.54 -9.57
C ALA A 113 -10.80 16.54 -10.49
N TRP A 114 -10.80 17.80 -10.06
CA TRP A 114 -11.55 18.83 -10.75
C TRP A 114 -11.29 18.84 -12.25
N SER A 115 -10.01 19.00 -12.63
CA SER A 115 -9.68 19.14 -14.05
C SER A 115 -10.04 17.89 -14.84
N SER A 116 -9.80 16.70 -14.27
CA SER A 116 -10.10 15.47 -14.98
C SER A 116 -11.60 15.27 -15.14
N TYR A 117 -12.37 15.57 -14.09
CA TYR A 117 -13.82 15.45 -14.15
C TYR A 117 -14.41 16.33 -15.23
N LEU A 118 -13.91 17.57 -15.35
CA LEU A 118 -14.37 18.43 -16.44
C LEU A 118 -14.01 17.84 -17.79
N ALA A 119 -12.81 17.26 -17.90
CA ALA A 119 -12.36 16.74 -19.20
C ALA A 119 -13.27 15.62 -19.69
N THR A 120 -13.76 14.78 -18.77
CA THR A 120 -14.62 13.68 -19.17
C THR A 120 -16.06 14.14 -19.39
N LYS A 121 -16.51 15.14 -18.62
CA LYS A 121 -17.85 15.69 -18.81
C LYS A 121 -18.03 16.23 -20.23
N TRP A 122 -16.95 16.73 -20.83
CA TRP A 122 -17.00 17.36 -22.14
C TRP A 122 -16.74 16.39 -23.29
N THR A 123 -16.15 15.23 -23.01
CA THR A 123 -15.79 14.27 -24.04
C THR A 123 -16.56 12.95 -23.81
N ASN A 124 -16.29 11.99 -24.68
CA ASN A 124 -16.91 10.68 -24.54
C ASN A 124 -16.26 9.82 -23.47
N ALA A 125 -15.13 10.26 -22.90
CA ALA A 125 -14.42 9.46 -21.92
C ALA A 125 -15.26 9.25 -20.66
N LYS A 126 -14.91 8.20 -19.92
CA LYS A 126 -15.55 7.85 -18.67
C LYS A 126 -14.64 8.19 -17.50
N PHE A 127 -15.24 8.29 -16.31
CA PHE A 127 -14.59 8.85 -15.13
C PHE A 127 -14.58 7.80 -14.02
N LEU A 128 -13.38 7.36 -13.65
CA LEU A 128 -13.21 6.37 -12.58
C LEU A 128 -12.33 6.95 -11.49
N THR A 129 -12.77 6.82 -10.24
CA THR A 129 -12.01 7.26 -9.07
C THR A 129 -11.65 6.06 -8.21
N THR A 130 -10.40 6.01 -7.78
CA THR A 130 -9.94 5.06 -6.76
C THR A 130 -9.50 5.86 -5.54
N PHE A 131 -10.00 5.46 -4.37
CA PHE A 131 -9.64 6.09 -3.10
C PHE A 131 -8.59 5.21 -2.43
N HIS A 132 -7.34 5.69 -2.40
CA HIS A 132 -6.24 4.96 -1.76
C HIS A 132 -6.12 5.26 -0.27
N GLY A 133 -7.07 5.99 0.30
CA GLY A 133 -6.95 6.34 1.69
C GLY A 133 -8.21 7.02 2.18
N VAL A 134 -8.20 7.36 3.46
CA VAL A 134 -9.34 8.00 4.11
C VAL A 134 -9.02 9.49 4.20
N TYR A 135 -9.64 10.28 3.32
CA TYR A 135 -9.60 11.73 3.39
C TYR A 135 -11.02 12.25 3.51
N ASN A 136 -11.15 13.46 4.01
CA ASN A 136 -12.46 14.05 4.23
C ASN A 136 -12.78 15.10 3.17
N ILE A 137 -14.06 15.21 2.85
CA ILE A 137 -14.58 16.25 1.98
C ILE A 137 -15.57 17.06 2.78
N PRO A 138 -15.78 18.34 2.46
CA PRO A 138 -16.74 19.16 3.23
C PRO A 138 -18.12 18.54 3.24
N ASN A 139 -18.80 18.67 4.39
CA ASN A 139 -20.11 18.04 4.54
C ASN A 139 -21.13 18.62 3.56
N SER A 140 -21.01 19.92 3.27
CA SER A 140 -21.90 20.56 2.30
C SER A 140 -21.76 19.99 0.89
N PHE A 141 -20.59 19.44 0.56
CA PHE A 141 -20.33 18.97 -0.79
C PHE A 141 -20.77 17.52 -1.01
N LYS A 142 -20.97 16.75 0.06
CA LYS A 142 -21.22 15.32 -0.07
C LYS A 142 -22.47 15.04 -0.91
N LYS A 143 -23.53 15.84 -0.73
CA LYS A 143 -24.75 15.64 -1.50
C LYS A 143 -24.48 15.82 -2.99
N TYR A 144 -23.83 16.94 -3.35
CA TYR A 144 -23.57 17.21 -4.76
C TYR A 144 -22.61 16.18 -5.36
N TYR A 145 -21.59 15.78 -4.60
CA TYR A 145 -20.60 14.84 -5.11
C TYR A 145 -21.26 13.54 -5.54
N ASN A 146 -22.02 12.92 -4.64
CA ASN A 146 -22.59 11.61 -4.90
C ASN A 146 -23.78 11.68 -5.87
N SER A 147 -24.59 12.74 -5.79
CA SER A 147 -25.80 12.81 -6.59
C SER A 147 -25.53 13.31 -8.01
N ILE A 148 -24.71 14.34 -8.18
CA ILE A 148 -24.48 14.92 -9.50
C ILE A 148 -23.18 14.41 -10.12
N MET A 149 -22.06 14.56 -9.41
CA MET A 149 -20.77 14.26 -10.02
C MET A 149 -20.60 12.76 -10.26
N LEU A 150 -21.09 11.92 -9.35
CA LEU A 150 -20.93 10.48 -9.45
C LEU A 150 -22.19 9.79 -9.98
N LYS A 151 -23.07 10.51 -10.66
CA LYS A 151 -24.20 9.89 -11.33
C LYS A 151 -23.70 8.97 -12.45
N GLY A 152 -24.18 7.73 -12.46
CA GLY A 152 -23.79 6.80 -13.49
C GLY A 152 -22.30 6.50 -13.53
N LYS A 153 -21.63 6.59 -12.38
CA LYS A 153 -20.21 6.35 -12.29
C LYS A 153 -19.95 5.31 -11.20
N LYS A 154 -18.72 4.82 -11.17
CA LYS A 154 -18.28 3.90 -10.13
C LYS A 154 -17.05 4.48 -9.44
N VAL A 155 -16.79 3.99 -8.22
CA VAL A 155 -15.60 4.35 -7.47
C VAL A 155 -14.98 3.07 -6.94
N VAL A 156 -13.67 3.11 -6.71
CA VAL A 156 -12.92 1.97 -6.22
C VAL A 156 -12.33 2.30 -4.87
N ALA A 157 -12.54 1.42 -3.90
CA ALA A 157 -11.90 1.49 -2.59
C ALA A 157 -10.85 0.39 -2.49
N VAL A 158 -9.65 0.76 -2.03
CA VAL A 158 -8.54 -0.19 -1.91
C VAL A 158 -8.69 -1.12 -0.73
N SER A 159 -9.75 -0.96 0.08
CA SER A 159 -10.00 -1.85 1.19
C SER A 159 -11.46 -1.70 1.61
N ASN A 160 -11.91 -2.63 2.46
CA ASN A 160 -13.24 -2.45 3.03
C ASN A 160 -13.27 -1.36 4.07
N PHE A 161 -12.11 -1.06 4.68
CA PHE A 161 -12.03 0.06 5.60
C PHE A 161 -12.29 1.38 4.87
N VAL A 162 -11.73 1.54 3.67
CA VAL A 162 -12.00 2.75 2.89
C VAL A 162 -13.44 2.74 2.38
N LYS A 163 -13.96 1.58 1.99
CA LYS A 163 -15.34 1.50 1.52
C LYS A 163 -16.31 1.94 2.60
N GLN A 164 -16.05 1.55 3.84
CA GLN A 164 -16.90 1.99 4.95
C GLN A 164 -16.89 3.51 5.09
N HIS A 165 -15.72 4.12 5.00
CA HIS A 165 -15.61 5.57 5.01
C HIS A 165 -16.46 6.20 3.90
N LEU A 166 -16.35 5.66 2.68
CA LEU A 166 -17.14 6.18 1.57
C LEU A 166 -18.63 6.02 1.80
N LEU A 167 -19.03 5.01 2.58
CA LEU A 167 -20.45 4.83 2.88
C LEU A 167 -20.90 5.73 4.01
N GLU A 168 -20.19 5.72 5.13
CA GLU A 168 -20.66 6.41 6.33
C GLU A 168 -20.36 7.89 6.29
N ASN A 169 -19.22 8.27 5.73
CA ASN A 169 -18.80 9.67 5.73
C ASN A 169 -19.26 10.39 4.45
N TYR A 170 -18.82 9.91 3.29
CA TYR A 170 -19.20 10.54 2.03
C TYR A 170 -20.67 10.35 1.71
N LYS A 171 -21.32 9.35 2.32
CA LYS A 171 -22.70 8.97 1.98
C LYS A 171 -22.83 8.70 0.47
N ILE A 172 -21.84 7.98 -0.08
CA ILE A 172 -21.87 7.52 -1.47
C ILE A 172 -22.70 6.25 -1.55
N ASP A 173 -23.47 6.10 -2.63
CA ASP A 173 -24.31 4.92 -2.78
C ASP A 173 -23.46 3.66 -2.89
N GLU A 174 -23.91 2.59 -2.25
CA GLU A 174 -23.10 1.37 -2.18
C GLU A 174 -22.88 0.76 -3.55
N ASP A 175 -23.91 0.75 -4.40
CA ASP A 175 -23.82 0.11 -5.71
C ASP A 175 -22.90 0.88 -6.65
N LYS A 176 -22.32 1.97 -6.15
CA LYS A 176 -21.27 2.70 -6.85
C LYS A 176 -19.88 2.24 -6.45
N ILE A 177 -19.73 1.61 -5.29
CA ILE A 177 -18.42 1.33 -4.69
C ILE A 177 -18.02 -0.10 -5.01
N VAL A 178 -16.86 -0.25 -5.64
CA VAL A 178 -16.27 -1.54 -5.94
C VAL A 178 -14.98 -1.64 -5.14
N VAL A 179 -14.82 -2.71 -4.38
CA VAL A 179 -13.60 -2.93 -3.62
C VAL A 179 -12.61 -3.72 -4.47
N ILE A 180 -11.38 -3.21 -4.58
CA ILE A 180 -10.28 -3.92 -5.24
C ILE A 180 -9.12 -3.93 -4.26
N GLU A 181 -9.03 -4.98 -3.44
CA GLU A 181 -7.99 -5.05 -2.42
C GLU A 181 -6.60 -4.96 -3.05
N ARG A 182 -5.64 -4.54 -2.24
CA ARG A 182 -4.28 -4.40 -2.70
C ARG A 182 -3.63 -5.76 -2.84
N GLY A 183 -2.78 -5.91 -3.86
CA GLY A 183 -2.13 -7.17 -4.16
C GLY A 183 -0.64 -7.11 -3.93
N VAL A 184 -0.06 -8.26 -3.64
CA VAL A 184 1.38 -8.43 -3.49
C VAL A 184 1.88 -9.32 -4.62
N ASN A 185 2.99 -8.92 -5.23
CA ASN A 185 3.59 -9.70 -6.32
C ASN A 185 4.12 -11.00 -5.75
N CYS A 186 3.35 -12.07 -5.89
CA CYS A 186 3.76 -13.36 -5.34
C CYS A 186 4.87 -14.01 -6.15
N ASP A 187 5.21 -13.45 -7.31
CA ASP A 187 6.38 -13.93 -8.03
C ASP A 187 7.65 -13.30 -7.49
N TYR A 188 7.59 -12.03 -7.09
CA TYR A 188 8.76 -11.41 -6.46
C TYR A 188 8.90 -11.84 -5.01
N PHE A 189 7.85 -11.63 -4.20
CA PHE A 189 7.83 -12.11 -2.83
C PHE A 189 7.51 -13.60 -2.85
N ASP A 190 8.54 -14.40 -3.06
CA ASP A 190 8.43 -15.84 -3.19
C ASP A 190 9.59 -16.49 -2.46
N PRO A 191 9.34 -17.17 -1.34
CA PRO A 191 10.45 -17.78 -0.58
C PRO A 191 11.27 -18.77 -1.37
N ALA A 192 10.73 -19.33 -2.46
CA ALA A 192 11.48 -20.23 -3.32
C ALA A 192 12.59 -19.52 -4.09
N ASN A 193 12.63 -18.20 -4.06
CA ASN A 193 13.68 -17.43 -4.71
C ASN A 193 14.85 -17.12 -3.79
N LEU A 194 14.71 -17.34 -2.49
CA LEU A 194 15.82 -17.11 -1.56
C LEU A 194 16.90 -18.16 -1.75
N THR A 195 18.15 -17.71 -1.81
CA THR A 195 19.31 -18.58 -1.83
C THR A 195 20.04 -18.50 -0.50
N PRO A 196 20.65 -19.61 -0.04
CA PRO A 196 21.42 -19.54 1.20
C PRO A 196 22.56 -18.53 1.16
N GLU A 197 22.99 -18.11 -0.03
CA GLU A 197 24.08 -17.13 -0.14
C GLU A 197 23.56 -15.71 0.03
N LYS A 198 22.52 -15.33 -0.71
CA LYS A 198 21.97 -13.98 -0.58
C LYS A 198 21.44 -13.73 0.82
N LEU A 199 21.01 -14.79 1.51
CA LEU A 199 20.61 -14.66 2.92
C LEU A 199 21.80 -14.31 3.79
N GLU A 200 22.90 -15.05 3.65
CA GLU A 200 24.09 -14.79 4.45
C GLU A 200 24.62 -13.38 4.22
N LYS A 201 24.57 -12.91 2.97
CA LYS A 201 25.01 -11.54 2.69
C LYS A 201 24.14 -10.52 3.40
N CYS A 202 22.85 -10.81 3.57
CA CYS A 202 21.97 -9.89 4.27
C CYS A 202 22.21 -9.93 5.78
N CYS A 203 22.40 -11.12 6.35
CA CYS A 203 22.77 -11.22 7.76
C CYS A 203 24.07 -10.47 8.03
N GLU A 204 25.00 -10.51 7.07
CA GLU A 204 26.27 -9.82 7.22
C GLU A 204 26.13 -8.31 7.07
N LYS A 205 25.18 -7.85 6.25
CA LYS A 205 25.02 -6.42 6.06
C LYS A 205 24.30 -5.78 7.25
N TYR A 206 23.45 -6.55 7.94
CA TYR A 206 22.61 -6.01 9.01
C TYR A 206 23.03 -6.50 10.39
N ASP A 207 24.26 -7.00 10.53
CA ASP A 207 24.82 -7.37 11.83
C ASP A 207 23.89 -8.33 12.58
N VAL A 208 23.38 -9.32 11.87
CA VAL A 208 22.37 -10.23 12.41
C VAL A 208 23.04 -11.36 13.20
N PRO A 209 22.70 -11.54 14.47
CA PRO A 209 23.25 -12.68 15.22
C PRO A 209 22.69 -14.01 14.73
N SER A 210 23.37 -15.08 15.14
CA SER A 210 23.12 -16.40 14.55
C SER A 210 21.87 -17.08 15.11
N ASN A 211 21.93 -17.50 16.37
CA ASN A 211 20.93 -18.41 16.91
C ASN A 211 19.85 -17.70 17.73
N VAL A 212 19.23 -16.67 17.13
CA VAL A 212 18.18 -15.93 17.82
C VAL A 212 17.09 -15.56 16.82
N PRO A 213 15.86 -15.41 17.31
CA PRO A 213 14.75 -14.99 16.43
C PRO A 213 14.90 -13.55 15.98
N ILE A 214 14.55 -13.30 14.72
CA ILE A 214 14.71 -11.99 14.10
C ILE A 214 13.34 -11.35 13.94
N ILE A 215 13.18 -10.15 14.46
CA ILE A 215 11.93 -9.39 14.37
C ILE A 215 12.15 -8.25 13.39
N LEU A 216 11.40 -8.25 12.31
CA LEU A 216 11.48 -7.19 11.31
C LEU A 216 10.27 -6.28 11.43
N MET A 217 10.53 -4.99 11.64
CA MET A 217 9.47 -3.99 11.49
C MET A 217 9.80 -3.12 10.28
N PRO A 218 9.26 -3.44 9.11
CA PRO A 218 9.46 -2.60 7.92
C PRO A 218 8.41 -1.48 7.88
N SER A 219 8.72 -0.40 8.58
CA SER A 219 7.83 0.74 8.68
C SER A 219 8.63 2.02 8.47
N ARG A 220 8.08 2.93 7.69
CA ARG A 220 8.60 4.30 7.64
C ARG A 220 8.75 4.84 9.05
N MET A 221 9.86 5.54 9.30
CA MET A 221 10.13 6.07 10.64
C MET A 221 9.32 7.34 10.84
N THR A 222 8.03 7.15 11.16
CA THR A 222 7.15 8.23 11.57
C THR A 222 6.42 7.84 12.84
N SER A 223 5.88 8.84 13.54
CA SER A 223 5.41 8.62 14.91
C SER A 223 4.24 7.65 14.97
N TRP A 224 3.28 7.77 14.07
CA TRP A 224 2.08 6.94 14.13
C TRP A 224 2.31 5.51 13.67
N LYS A 225 3.53 5.14 13.28
CA LYS A 225 3.83 3.77 12.90
C LYS A 225 3.95 2.83 14.08
N GLY A 226 4.23 3.36 15.28
CA GLY A 226 4.25 2.54 16.48
C GLY A 226 5.61 2.08 16.96
N HIS A 227 6.70 2.64 16.41
CA HIS A 227 8.04 2.24 16.85
C HIS A 227 8.18 2.32 18.36
N LEU A 228 7.70 3.42 18.96
CA LEU A 228 7.84 3.59 20.40
C LEU A 228 7.12 2.48 21.16
N VAL A 229 5.95 2.05 20.67
CA VAL A 229 5.20 1.00 21.35
C VAL A 229 5.95 -0.33 21.28
N LEU A 230 6.55 -0.62 20.12
CA LEU A 230 7.32 -1.85 19.99
C LEU A 230 8.56 -1.84 20.88
N VAL A 231 9.21 -0.69 21.02
CA VAL A 231 10.40 -0.62 21.87
C VAL A 231 10.02 -0.84 23.32
N GLU A 232 8.94 -0.22 23.77
CA GLU A 232 8.48 -0.49 25.14
C GLU A 232 8.02 -1.94 25.29
N ALA A 233 7.51 -2.55 24.22
CA ALA A 233 7.11 -3.96 24.29
C ALA A 233 8.32 -4.87 24.36
N LEU A 234 9.32 -4.64 23.50
CA LEU A 234 10.53 -5.45 23.53
C LEU A 234 11.34 -5.26 24.80
N SER A 235 11.14 -4.14 25.52
CA SER A 235 11.79 -3.99 26.81
C SER A 235 11.19 -4.93 27.84
N LYS A 236 9.87 -5.16 27.76
CA LYS A 236 9.21 -6.13 28.63
C LYS A 236 9.67 -7.55 28.35
N LEU A 237 10.42 -7.78 27.27
CA LEU A 237 10.96 -9.09 26.93
C LEU A 237 12.49 -9.06 26.92
N LYS A 238 13.10 -8.22 27.77
CA LYS A 238 14.55 -8.14 27.83
C LYS A 238 15.20 -9.46 28.23
N HIS A 239 14.43 -10.38 28.80
CA HIS A 239 14.97 -11.70 29.16
C HIS A 239 15.09 -12.62 27.95
N ARG A 240 14.18 -12.52 26.98
CA ARG A 240 14.31 -13.33 25.78
C ARG A 240 15.47 -12.82 24.93
N ASP A 241 16.14 -13.76 24.26
CA ASP A 241 17.16 -13.41 23.27
C ASP A 241 16.46 -13.23 21.93
N PHE A 242 16.75 -12.11 21.27
CA PHE A 242 16.15 -11.80 19.97
C PHE A 242 16.96 -10.70 19.31
N TYR A 243 16.56 -10.32 18.10
CA TYR A 243 17.21 -9.22 17.39
C TYR A 243 16.18 -8.56 16.49
N CYS A 244 15.90 -7.29 16.74
CA CYS A 244 14.85 -6.57 16.04
C CYS A 244 15.45 -5.58 15.05
N LEU A 245 14.98 -5.63 13.81
CA LEU A 245 15.41 -4.74 12.75
C LEU A 245 14.29 -3.78 12.39
N MET A 246 14.58 -2.48 12.46
CA MET A 246 13.66 -1.43 12.03
C MET A 246 14.20 -0.84 10.73
N VAL A 247 13.58 -1.20 9.61
CA VAL A 247 14.02 -0.76 8.29
C VAL A 247 12.93 0.08 7.64
N GLY A 248 13.32 1.24 7.14
CA GLY A 248 12.40 2.20 6.56
C GLY A 248 13.04 3.56 6.49
N ASP A 249 12.36 4.46 5.77
CA ASP A 249 12.90 5.81 5.59
C ASP A 249 13.08 6.48 6.94
N ILE A 250 14.18 7.20 7.08
CA ILE A 250 14.47 7.90 8.33
C ILE A 250 14.82 9.36 8.00
N SER A 251 14.24 9.87 6.93
CA SER A 251 14.57 11.19 6.43
C SER A 251 13.42 12.18 6.51
N ARG A 252 12.20 11.74 6.17
CA ARG A 252 11.06 12.66 6.17
C ARG A 252 10.73 13.15 7.57
N HIS A 253 10.93 12.32 8.58
CA HIS A 253 10.73 12.69 9.99
C HIS A 253 11.98 12.31 10.76
N PRO A 254 13.09 13.01 10.51
CA PRO A 254 14.35 12.63 11.18
C PRO A 254 14.35 12.93 12.66
N ASN A 255 13.67 14.01 13.08
CA ASN A 255 13.53 14.32 14.49
C ASN A 255 13.03 13.11 15.29
N PHE A 256 12.04 12.42 14.74
CA PHE A 256 11.47 11.26 15.41
C PHE A 256 12.45 10.09 15.47
N THR A 257 13.30 9.95 14.46
CA THR A 257 14.25 8.83 14.43
C THR A 257 15.23 8.91 15.59
N ASN A 258 15.81 10.10 15.82
CA ASN A 258 16.71 10.28 16.96
C ASN A 258 15.99 10.03 18.27
N ARG A 259 14.69 10.33 18.32
CA ARG A 259 13.91 10.09 19.53
C ARG A 259 13.84 8.59 19.83
N VAL A 260 13.54 7.79 18.81
CA VAL A 260 13.44 6.34 19.00
C VAL A 260 14.80 5.77 19.39
N LYS A 261 15.84 6.09 18.61
CA LYS A 261 17.18 5.58 18.90
C LYS A 261 17.60 5.88 20.33
N GLU A 262 17.14 7.01 20.87
CA GLU A 262 17.43 7.35 22.26
C GLU A 262 16.67 6.43 23.22
N LEU A 263 15.38 6.20 22.97
CA LEU A 263 14.61 5.33 23.84
C LEU A 263 15.20 3.92 23.86
N ILE A 264 15.61 3.42 22.71
CA ILE A 264 16.33 2.15 22.65
C ILE A 264 17.60 2.23 23.51
N ALA A 265 18.28 3.37 23.48
CA ALA A 265 19.51 3.52 24.24
C ALA A 265 19.23 3.55 25.74
N ASN A 266 18.31 4.43 26.17
CA ASN A 266 18.02 4.58 27.60
C ASN A 266 17.46 3.31 28.21
N LEU A 267 16.87 2.43 27.40
CA LEU A 267 16.41 1.13 27.87
C LEU A 267 17.46 0.03 27.66
N LYS A 268 18.70 0.40 27.34
CA LYS A 268 19.81 -0.55 27.20
C LYS A 268 19.47 -1.67 26.23
N LEU A 269 18.85 -1.32 25.11
CA LEU A 269 18.46 -2.28 24.09
C LEU A 269 19.19 -2.06 22.77
N GLN A 270 20.29 -1.31 22.80
CA GLN A 270 21.03 -0.99 21.58
C GLN A 270 21.52 -2.24 20.85
N ASN A 271 21.64 -3.37 21.55
CA ASN A 271 22.15 -4.61 20.98
C ASN A 271 21.04 -5.55 20.53
N LYS A 272 19.77 -5.21 20.77
CA LYS A 272 18.65 -6.02 20.33
C LYS A 272 17.75 -5.31 19.34
N ILE A 273 17.88 -4.00 19.18
CA ILE A 273 17.10 -3.24 18.21
C ILE A 273 18.04 -2.27 17.53
N GLN A 274 18.10 -2.31 16.20
CA GLN A 274 18.91 -1.37 15.44
C GLN A 274 18.12 -0.82 14.26
N ILE A 275 18.35 0.45 13.97
CA ILE A 275 17.58 1.20 12.98
C ILE A 275 18.42 1.33 11.72
N PHE A 276 17.82 1.06 10.57
CA PHE A 276 18.50 1.10 9.29
C PHE A 276 17.67 1.90 8.29
N GLY A 277 18.37 2.59 7.39
CA GLY A 277 17.73 3.24 6.27
C GLY A 277 17.03 2.23 5.37
N ASN A 278 16.30 2.76 4.39
CA ASN A 278 15.41 1.94 3.58
C ASN A 278 16.18 0.79 2.93
N ASP A 279 15.48 -0.33 2.77
CA ASP A 279 16.08 -1.56 2.29
C ASP A 279 15.88 -1.66 0.79
N SER A 280 16.99 -1.75 0.04
CA SER A 280 16.92 -1.92 -1.40
C SER A 280 16.17 -3.19 -1.76
N ASP A 281 16.63 -4.33 -1.25
CA ASP A 281 16.00 -5.62 -1.52
C ASP A 281 15.37 -6.09 -0.21
N ILE A 282 14.08 -5.82 -0.06
CA ILE A 282 13.38 -6.15 1.17
C ILE A 282 13.09 -7.64 1.25
N ILE A 283 13.19 -8.36 0.13
CA ILE A 283 12.85 -9.78 0.12
C ILE A 283 13.82 -10.57 1.00
N ASN A 284 15.13 -10.32 0.85
CA ASN A 284 16.10 -11.00 1.70
C ASN A 284 15.96 -10.62 3.16
N LEU A 285 15.42 -9.45 3.45
CA LEU A 285 15.20 -9.05 4.83
C LEU A 285 14.01 -9.79 5.43
N TYR A 286 12.97 -10.04 4.63
CA TYR A 286 11.89 -10.90 5.10
C TYR A 286 12.41 -12.32 5.34
N GLY A 287 13.18 -12.84 4.39
CA GLY A 287 13.64 -14.22 4.48
C GLY A 287 14.45 -14.51 5.72
N ILE A 288 15.22 -13.53 6.20
CA ILE A 288 16.02 -13.73 7.42
C ILE A 288 15.22 -13.54 8.68
N SER A 289 14.00 -13.05 8.58
CA SER A 289 13.18 -12.76 9.74
C SER A 289 12.21 -13.91 10.02
N ASP A 290 11.76 -13.98 11.27
CA ASP A 290 10.76 -14.94 11.68
C ASP A 290 9.42 -14.30 12.05
N ILE A 291 9.43 -13.05 12.54
CA ILE A 291 8.22 -12.35 12.94
C ILE A 291 8.23 -10.95 12.33
N ILE A 292 7.12 -10.57 11.70
CA ILE A 292 6.96 -9.25 11.08
C ILE A 292 5.97 -8.43 11.90
N ILE A 293 6.23 -7.15 12.05
CA ILE A 293 5.47 -6.29 12.95
C ILE A 293 4.91 -5.10 12.19
N SER A 294 3.60 -4.92 12.26
CA SER A 294 2.95 -3.63 11.99
C SER A 294 2.30 -3.18 13.28
N ALA A 295 2.74 -2.04 13.80
CA ALA A 295 2.33 -1.56 15.10
C ALA A 295 1.68 -0.19 15.03
N SER A 296 1.08 0.14 13.88
CA SER A 296 0.56 1.48 13.68
C SER A 296 -0.56 1.77 14.67
N ILE A 297 -0.51 2.96 15.28
CA ILE A 297 -1.52 3.37 16.25
C ILE A 297 -2.56 4.29 15.65
N GLU A 298 -2.39 4.68 14.38
CA GLU A 298 -3.40 5.38 13.60
C GLU A 298 -3.72 4.54 12.37
N PRO A 299 -4.99 4.49 11.95
CA PRO A 299 -5.38 3.48 10.97
C PRO A 299 -4.72 3.69 9.62
N GLU A 300 -4.49 2.58 8.93
CA GLU A 300 -3.96 2.59 7.57
C GLU A 300 -4.98 1.99 6.62
N ALA A 301 -5.05 2.54 5.41
CA ALA A 301 -6.01 2.04 4.44
C ALA A 301 -5.78 0.56 4.16
N PHE A 302 -4.52 0.13 4.14
CA PHE A 302 -4.16 -1.27 3.99
C PHE A 302 -2.74 -1.46 4.51
N GLY A 303 -2.50 -2.62 5.11
CA GLY A 303 -1.18 -2.91 5.64
C GLY A 303 -0.31 -3.62 4.63
N ARG A 304 0.43 -2.85 3.83
CA ARG A 304 1.26 -3.42 2.78
C ARG A 304 2.21 -4.48 3.32
N THR A 305 2.94 -4.15 4.39
CA THR A 305 3.92 -5.09 4.93
C THR A 305 3.28 -6.31 5.57
N ILE A 306 2.00 -6.24 5.94
CA ILE A 306 1.31 -7.43 6.41
C ILE A 306 1.17 -8.43 5.27
N ILE A 307 0.61 -7.99 4.15
CA ILE A 307 0.45 -8.86 3.00
C ILE A 307 1.82 -9.34 2.51
N GLU A 308 2.81 -8.46 2.50
CA GLU A 308 4.15 -8.86 2.07
C GLU A 308 4.73 -9.91 3.00
N GLY A 309 4.53 -9.74 4.31
CA GLY A 309 5.02 -10.73 5.25
C GLY A 309 4.29 -12.06 5.13
N GLN A 310 2.98 -12.01 4.93
CA GLN A 310 2.23 -13.25 4.73
C GLN A 310 2.69 -13.98 3.47
N ALA A 311 3.01 -13.22 2.41
CA ALA A 311 3.52 -13.86 1.20
C ALA A 311 4.83 -14.60 1.45
N MET A 312 5.62 -14.13 2.40
CA MET A 312 6.93 -14.72 2.67
C MET A 312 6.87 -15.82 3.71
N LYS A 313 5.67 -16.30 4.07
CA LYS A 313 5.50 -17.43 4.99
C LYS A 313 6.05 -17.12 6.38
N LYS A 314 5.71 -15.94 6.89
CA LYS A 314 6.19 -15.48 8.19
C LYS A 314 5.04 -15.41 9.19
N LEU A 315 5.41 -15.38 10.48
CA LEU A 315 4.44 -15.08 11.51
C LEU A 315 4.26 -13.56 11.56
N VAL A 316 3.03 -13.11 11.37
CA VAL A 316 2.72 -11.69 11.19
C VAL A 316 1.88 -11.20 12.36
N ILE A 317 2.27 -10.08 12.94
CA ILE A 317 1.57 -9.44 14.05
C ILE A 317 1.24 -8.01 13.64
N ALA A 318 -0.06 -7.69 13.58
CA ALA A 318 -0.51 -6.37 13.14
C ALA A 318 -1.52 -5.79 14.12
N THR A 319 -1.51 -4.46 14.24
CA THR A 319 -2.47 -3.77 15.09
C THR A 319 -3.85 -3.81 14.44
N ASN A 320 -4.87 -4.05 15.26
CA ASN A 320 -6.24 -4.19 14.78
C ASN A 320 -6.82 -2.81 14.55
N ILE A 321 -6.46 -2.22 13.43
CA ILE A 321 -6.84 -0.83 13.17
C ILE A 321 -6.73 -0.53 11.67
N GLY A 322 -7.76 0.11 11.14
CA GLY A 322 -7.77 0.39 9.71
C GLY A 322 -7.84 -0.88 8.90
N GLY A 323 -7.31 -0.82 7.69
CA GLY A 323 -7.27 -1.99 6.86
C GLY A 323 -6.10 -2.91 7.09
N ALA A 324 -5.31 -2.65 8.13
CA ALA A 324 -4.07 -3.40 8.36
C ALA A 324 -4.33 -4.85 8.79
N VAL A 325 -5.46 -5.10 9.44
CA VAL A 325 -5.82 -6.46 9.83
C VAL A 325 -6.76 -7.12 8.84
N GLU A 326 -7.13 -6.42 7.75
CA GLU A 326 -8.10 -6.96 6.81
C GLU A 326 -7.64 -8.28 6.18
N THR A 327 -6.34 -8.45 6.00
CA THR A 327 -5.79 -9.65 5.38
C THR A 327 -5.49 -10.76 6.37
N ILE A 328 -5.78 -10.58 7.65
CA ILE A 328 -5.36 -11.51 8.71
C ILE A 328 -6.58 -12.21 9.29
N ASN A 329 -6.64 -13.53 9.13
CA ASN A 329 -7.60 -14.36 9.85
C ASN A 329 -6.95 -14.72 11.17
N ASN A 330 -7.39 -14.07 12.23
CA ASN A 330 -6.69 -14.10 13.52
C ASN A 330 -6.46 -15.53 13.98
N ASN A 331 -5.22 -15.81 14.38
CA ASN A 331 -4.76 -17.11 14.88
C ASN A 331 -4.75 -18.18 13.80
N ILE A 332 -4.80 -17.80 12.52
CA ILE A 332 -4.84 -18.78 11.45
C ILE A 332 -3.86 -18.38 10.34
N THR A 333 -3.90 -17.13 9.92
CA THR A 333 -2.90 -16.62 8.99
C THR A 333 -2.04 -15.52 9.60
N GLY A 334 -2.23 -15.22 10.88
CA GLY A 334 -1.53 -14.15 11.54
C GLY A 334 -2.21 -13.81 12.85
N PHE A 335 -1.78 -12.71 13.45
CA PHE A 335 -2.29 -12.33 14.77
C PHE A 335 -2.64 -10.85 14.82
N HIS A 336 -3.77 -10.55 15.47
CA HIS A 336 -4.18 -9.18 15.76
C HIS A 336 -3.71 -8.79 17.15
N VAL A 337 -3.41 -7.50 17.33
CA VAL A 337 -3.16 -6.93 18.65
C VAL A 337 -3.88 -5.59 18.73
N GLU A 338 -4.25 -5.20 19.95
CA GLU A 338 -4.80 -3.87 20.17
C GLU A 338 -3.74 -2.81 19.91
N PRO A 339 -4.10 -1.71 19.25
CA PRO A 339 -3.12 -0.67 18.97
C PRO A 339 -2.77 0.10 20.23
N ASN A 340 -1.52 0.56 20.29
CA ASN A 340 -1.04 1.38 21.40
C ASN A 340 -1.20 0.65 22.73
N ASN A 341 -0.73 -0.60 22.77
CA ASN A 341 -0.83 -1.46 23.94
C ASN A 341 0.43 -2.31 23.97
N ALA A 342 1.41 -1.89 24.79
CA ALA A 342 2.72 -2.53 24.76
C ALA A 342 2.66 -3.94 25.36
N GLU A 343 1.94 -4.12 26.47
CA GLU A 343 1.83 -5.44 27.08
C GLU A 343 1.20 -6.43 26.10
N ALA A 344 0.10 -6.04 25.46
CA ALA A 344 -0.57 -6.93 24.51
C ALA A 344 0.37 -7.30 23.37
N LEU A 345 1.16 -6.35 22.90
CA LEU A 345 2.13 -6.64 21.85
C LEU A 345 3.26 -7.51 22.38
N ALA A 346 3.75 -7.22 23.59
CA ALA A 346 4.86 -8.00 24.14
C ALA A 346 4.45 -9.44 24.38
N GLN A 347 3.20 -9.67 24.81
CA GLN A 347 2.74 -11.03 25.03
C GLN A 347 2.60 -11.78 23.71
N LYS A 348 2.08 -11.13 22.66
CA LYS A 348 1.96 -11.80 21.37
C LYS A 348 3.32 -12.16 20.80
N ILE A 349 4.30 -11.25 20.92
CA ILE A 349 5.65 -11.57 20.47
C ILE A 349 6.22 -12.73 21.25
N ASP A 350 5.94 -12.75 22.56
CA ASP A 350 6.39 -13.87 23.39
C ASP A 350 5.73 -15.17 22.95
N TYR A 351 4.44 -15.11 22.59
CA TYR A 351 3.76 -16.32 22.11
C TYR A 351 4.41 -16.85 20.86
N CYS A 352 4.75 -15.97 19.92
CA CYS A 352 5.35 -16.43 18.66
C CYS A 352 6.71 -17.08 18.90
N PHE A 353 7.50 -16.52 19.82
CA PHE A 353 8.74 -17.18 20.23
C PHE A 353 8.47 -18.62 20.64
N SER A 354 7.41 -18.84 21.42
CA SER A 354 7.16 -20.17 21.96
C SER A 354 6.65 -21.16 20.91
N ILE A 355 6.15 -20.68 19.77
CA ILE A 355 5.69 -21.57 18.72
C ILE A 355 6.58 -21.57 17.50
N LEU A 356 7.58 -20.69 17.42
CA LEU A 356 8.53 -20.73 16.31
C LEU A 356 9.24 -22.08 16.27
N GLY A 357 9.18 -22.74 15.12
CA GLY A 357 9.77 -24.05 14.94
C GLY A 357 8.81 -25.20 15.06
N THR A 358 7.62 -24.97 15.62
CA THR A 358 6.64 -26.03 15.81
C THR A 358 5.83 -26.26 14.54
N ASP A 359 5.04 -27.33 14.55
CA ASP A 359 4.16 -27.62 13.42
C ASP A 359 3.06 -26.58 13.29
N LEU A 360 2.69 -25.94 14.39
CA LEU A 360 1.65 -24.90 14.35
C LEU A 360 2.16 -23.67 13.59
N ALA A 361 3.36 -23.20 13.93
CA ALA A 361 3.95 -22.09 13.19
C ALA A 361 4.00 -22.43 11.70
N LYS A 362 4.48 -23.63 11.36
CA LYS A 362 4.51 -24.05 9.97
C LYS A 362 3.11 -23.99 9.36
N LYS A 363 2.09 -24.44 10.10
CA LYS A 363 0.73 -24.41 9.59
C LYS A 363 0.30 -22.98 9.28
N ILE A 364 0.48 -22.08 10.24
CA ILE A 364 0.11 -20.68 10.05
C ILE A 364 0.94 -20.05 8.94
N GLN A 365 2.25 -20.35 8.90
CA GLN A 365 3.09 -19.78 7.86
C GLN A 365 2.67 -20.22 6.48
N GLU A 366 2.41 -21.54 6.31
CA GLU A 366 1.89 -22.03 5.04
C GLU A 366 0.56 -21.39 4.71
N ALA A 367 -0.35 -21.35 5.69
CA ALA A 367 -1.68 -20.76 5.45
C ALA A 367 -1.57 -19.30 5.06
N ALA A 368 -0.53 -18.60 5.54
CA ALA A 368 -0.41 -17.17 5.27
C ALA A 368 -0.10 -16.91 3.80
N ARG A 369 0.86 -17.63 3.24
CA ARG A 369 1.12 -17.45 1.81
C ARG A 369 -0.02 -17.98 0.97
N HIS A 370 -0.70 -19.03 1.42
CA HIS A 370 -1.85 -19.55 0.68
C HIS A 370 -2.93 -18.48 0.54
N THR A 371 -3.24 -17.77 1.63
CA THR A 371 -4.32 -16.80 1.54
C THR A 371 -3.93 -15.61 0.67
N VAL A 372 -2.64 -15.29 0.58
CA VAL A 372 -2.22 -14.19 -0.29
C VAL A 372 -2.33 -14.60 -1.75
N ILE A 373 -2.01 -15.86 -2.06
CA ILE A 373 -2.12 -16.34 -3.44
C ILE A 373 -3.57 -16.45 -3.86
N ASN A 374 -4.46 -16.79 -2.91
CA ASN A 374 -5.87 -17.01 -3.23
C ASN A 374 -6.69 -15.74 -3.24
N ASN A 375 -6.26 -14.68 -2.56
CA ASN A 375 -7.11 -13.51 -2.33
C ASN A 375 -6.41 -12.17 -2.44
N PHE A 376 -5.08 -12.09 -2.30
CA PHE A 376 -4.41 -10.80 -2.22
C PHE A 376 -3.17 -10.75 -3.09
N SER A 377 -3.20 -11.43 -4.23
CA SER A 377 -2.12 -11.35 -5.20
C SER A 377 -2.24 -10.09 -6.05
N LEU A 378 -1.10 -9.58 -6.51
CA LEU A 378 -1.11 -8.51 -7.51
C LEU A 378 -1.87 -8.96 -8.76
N ASN A 379 -1.72 -10.23 -9.13
CA ASN A 379 -2.40 -10.75 -10.31
C ASN A 379 -3.91 -10.53 -10.24
N LEU A 380 -4.52 -10.81 -9.09
CA LEU A 380 -5.97 -10.61 -8.96
C LEU A 380 -6.33 -9.13 -8.88
N MET A 381 -5.48 -8.31 -8.26
CA MET A 381 -5.70 -6.88 -8.25
C MET A 381 -5.76 -6.34 -9.68
N LEU A 382 -4.78 -6.70 -10.50
CA LEU A 382 -4.73 -6.21 -11.87
C LEU A 382 -5.97 -6.63 -12.65
N ARG A 383 -6.42 -7.88 -12.46
CA ARG A 383 -7.58 -8.38 -13.20
C ARG A 383 -8.87 -7.72 -12.73
N LYS A 384 -9.00 -7.45 -11.43
CA LYS A 384 -10.17 -6.71 -10.97
C LYS A 384 -10.21 -5.31 -11.56
N ASN A 385 -9.04 -4.71 -11.81
CA ASN A 385 -9.02 -3.40 -12.46
C ASN A 385 -9.54 -3.48 -13.89
N LEU A 386 -9.12 -4.50 -14.64
CA LEU A 386 -9.56 -4.63 -16.02
C LEU A 386 -11.06 -4.92 -16.09
N GLU A 387 -11.59 -5.66 -15.11
CA GLU A 387 -13.02 -5.95 -15.09
C GLU A 387 -13.85 -4.68 -14.93
N ILE A 388 -13.47 -3.83 -13.98
CA ILE A 388 -14.22 -2.58 -13.77
C ILE A 388 -14.08 -1.67 -14.98
N TYR A 389 -12.97 -1.74 -15.70
CA TYR A 389 -12.86 -1.01 -16.98
C TYR A 389 -13.92 -1.51 -17.95
N LYS A 390 -14.06 -2.84 -18.07
CA LYS A 390 -15.02 -3.41 -19.00
C LYS A 390 -16.45 -3.10 -18.59
N GLU A 391 -16.75 -3.15 -17.29
CA GLU A 391 -18.08 -2.76 -16.82
C GLU A 391 -18.36 -1.30 -17.18
N ILE A 392 -17.40 -0.42 -16.91
CA ILE A 392 -17.55 0.99 -17.22
C ILE A 392 -17.75 1.23 -18.71
N LEU A 393 -17.15 0.38 -19.54
CA LEU A 393 -17.20 0.53 -20.99
C LEU A 393 -18.26 -0.33 -21.64
N LYS A 394 -19.02 -1.12 -20.86
CA LYS A 394 -20.13 -1.88 -21.42
C LYS A 394 -21.09 -0.95 -22.15
N ASN A 395 -21.72 -1.48 -23.21
CA ASN A 395 -22.67 -0.74 -24.05
C ASN A 395 -21.99 0.46 -24.71
N SER A 396 -21.03 0.15 -25.59
CA SER A 396 -20.32 1.17 -26.37
C SER A 396 -20.13 0.71 -27.82
#